data_5P9Y
#
_entry.id   5P9Y
#
_cell.length_a   49.967
_cell.length_b   54.212
_cell.length_c   81.524
_cell.angle_alpha   90.000
_cell.angle_beta   90.000
_cell.angle_gamma   90.000
#
_symmetry.space_group_name_H-M   'P 21 21 21'
#
loop_
_entity.id
_entity.type
_entity.pdbx_description
1 polymer 'Catechol O-methyltransferase'
2 non-polymer 'MAGNESIUM ION'
3 non-polymer 6-(4-fluorophenyl)-8-oxidanyl-3-(5-pyrrolo[3,2-c]pyridin-1-ylpentyl)quinazolin-4-one
4 non-polymer 'CHLORIDE ION'
5 non-polymer 'SULFATE ION'
6 non-polymer (4S,5S)-1,2-DITHIANE-4,5-DIOL
7 non-polymer '2-[N-CYCLOHEXYLAMINO]ETHANE SULFONIC ACID'
8 water water
#
_entity_poly.entity_id   1
_entity_poly.type   'polypeptide(L)'
_entity_poly.pdbx_seq_one_letter_code
;MGDTKEQRILRYVQQNAKPGDPQSVLEAIDTYCTQKEWAMNVGDAKGQIMDAVIREYSPSLVLELGAYCGYSAVRMARLL
QPGARLLTMEINPDCAAITQQMLNFAGLQDKVTILNGASQDLIPQLKKKYDVDTLDMVFLDHWKDRYLPDTLLLEKCGLL
RKGTVLLADNVIVPGTPDFLAYVRGSSSFECTHYSSYLEYMKVVDGLEKAIYQGPSSPDKS
;
_entity_poly.pdbx_strand_id   A
#
loop_
_chem_comp.id
_chem_comp.type
_chem_comp.name
_chem_comp.formula
7JP non-polymer 6-(4-fluorophenyl)-8-oxidanyl-3-(5-pyrrolo[3,2-c]pyridin-1-ylpentyl)quinazolin-4-one 'C26 H23 F N4 O2'
CL non-polymer 'CHLORIDE ION' 'Cl -1'
D1D non-polymer (4S,5S)-1,2-DITHIANE-4,5-DIOL 'C4 H8 O2 S2'
MG non-polymer 'MAGNESIUM ION' 'Mg 2'
NHE non-polymer '2-[N-CYCLOHEXYLAMINO]ETHANE SULFONIC ACID' 'C8 H17 N O3 S'
SO4 non-polymer 'SULFATE ION' 'O4 S -2'
#
# COMPACT_ATOMS: atom_id res chain seq x y z
N ASP A 3 23.57 -0.36 -11.88
CA ASP A 3 22.33 -0.65 -11.14
C ASP A 3 21.24 0.43 -11.22
N THR A 4 20.06 0.08 -10.72
CA THR A 4 18.91 0.99 -10.68
C THR A 4 18.81 1.68 -9.35
N LYS A 5 18.03 2.76 -9.36
CA LYS A 5 17.69 3.47 -8.15
C LYS A 5 17.12 2.51 -7.08
N GLU A 6 16.25 1.62 -7.50
CA GLU A 6 15.60 0.73 -6.61
C GLU A 6 16.61 -0.25 -5.96
N GLN A 7 17.57 -0.75 -6.75
CA GLN A 7 18.67 -1.54 -6.20
C GLN A 7 19.50 -0.76 -5.21
N ARG A 8 19.79 0.51 -5.52
CA ARG A 8 20.56 1.36 -4.62
C ARG A 8 19.81 1.54 -3.29
N ILE A 9 18.48 1.74 -3.34
CA ILE A 9 17.72 1.86 -2.11
C ILE A 9 17.85 0.56 -1.25
N LEU A 10 17.68 -0.59 -1.88
CA LEU A 10 17.77 -1.83 -1.15
C LEU A 10 19.13 -2.02 -0.52
N ARG A 11 20.18 -1.73 -1.32
CA ARG A 11 21.53 -1.88 -0.78
CA ARG A 11 21.54 -1.86 -0.78
C ARG A 11 21.77 -0.94 0.40
N TYR A 12 21.27 0.30 0.27
CA TYR A 12 21.40 1.22 1.37
C TYR A 12 20.72 0.67 2.62
N VAL A 13 19.53 0.15 2.50
CA VAL A 13 18.87 -0.44 3.67
C VAL A 13 19.70 -1.57 4.26
N GLN A 14 20.18 -2.47 3.41
CA GLN A 14 20.96 -3.61 3.89
C GLN A 14 22.18 -3.18 4.63
N GLN A 15 22.76 -2.05 4.27
CA GLN A 15 24.01 -1.58 4.84
C GLN A 15 23.86 -0.50 5.93
N ASN A 16 22.64 -0.02 6.18
CA ASN A 16 22.42 1.07 7.15
C ASN A 16 21.27 0.85 8.13
N ALA A 17 20.52 -0.22 7.96
CA ALA A 17 19.42 -0.56 8.86
C ALA A 17 19.79 -1.82 9.64
N LYS A 18 19.04 -2.07 10.69
CA LYS A 18 19.26 -3.27 11.46
C LYS A 18 18.37 -4.44 10.96
N PRO A 19 18.95 -5.61 10.66
CA PRO A 19 18.16 -6.71 10.17
C PRO A 19 17.08 -7.09 11.17
N GLY A 20 15.87 -7.31 10.69
CA GLY A 20 14.76 -7.66 11.55
C GLY A 20 14.09 -6.50 12.24
N ASP A 21 14.47 -5.26 11.93
CA ASP A 21 13.94 -4.09 12.61
C ASP A 21 13.22 -3.20 11.60
N PRO A 22 11.89 -3.37 11.48
CA PRO A 22 11.18 -2.59 10.45
C PRO A 22 11.32 -1.08 10.55
N GLN A 23 11.29 -0.52 11.75
CA GLN A 23 11.37 0.92 11.89
C GLN A 23 12.71 1.40 11.29
N SER A 24 13.80 0.68 11.57
CA SER A 24 15.12 1.06 11.01
CA SER A 24 15.08 1.03 11.04
C SER A 24 15.15 1.00 9.51
N VAL A 25 14.39 0.06 8.94
CA VAL A 25 14.28 -0.06 7.49
C VAL A 25 13.56 1.19 6.91
N LEU A 26 12.45 1.59 7.54
CA LEU A 26 11.73 2.79 7.07
C LEU A 26 12.62 4.02 7.16
N GLU A 27 13.35 4.17 8.27
CA GLU A 27 14.18 5.32 8.44
C GLU A 27 15.28 5.37 7.40
N ALA A 28 15.89 4.22 7.10
CA ALA A 28 16.95 4.15 6.12
C ALA A 28 16.38 4.57 4.76
N ILE A 29 15.21 4.04 4.38
CA ILE A 29 14.66 4.40 3.11
C ILE A 29 14.41 5.90 3.03
N ASP A 30 13.78 6.44 4.08
CA ASP A 30 13.45 7.85 4.05
C ASP A 30 14.74 8.74 4.05
N THR A 31 15.79 8.30 4.76
CA THR A 31 17.05 9.03 4.72
C THR A 31 17.66 9.04 3.33
N TYR A 32 17.69 7.89 2.70
CA TYR A 32 18.26 7.79 1.35
C TYR A 32 17.50 8.66 0.37
N CYS A 33 16.19 8.62 0.47
CA CYS A 33 15.38 9.31 -0.49
C CYS A 33 15.29 10.82 -0.25
N THR A 34 15.65 11.25 0.93
CA THR A 34 15.77 12.66 1.22
C THR A 34 17.13 13.23 0.86
N GLN A 35 18.18 12.43 1.09
CA GLN A 35 19.52 12.93 0.94
C GLN A 35 20.18 12.60 -0.39
N LYS A 36 19.76 11.51 -1.03
CA LYS A 36 20.44 11.04 -2.21
C LYS A 36 19.58 11.07 -3.47
N GLU A 37 18.47 10.33 -3.51
CA GLU A 37 17.66 10.19 -4.72
C GLU A 37 16.20 10.10 -4.35
N TRP A 38 15.37 11.02 -4.81
CA TRP A 38 13.92 10.91 -4.59
C TRP A 38 13.40 9.64 -5.16
N ALA A 39 12.40 9.06 -4.49
CA ALA A 39 11.68 7.93 -5.06
C ALA A 39 10.24 7.93 -4.55
N MET A 40 9.38 7.22 -5.27
CA MET A 40 7.91 7.29 -5.07
C MET A 40 7.38 6.40 -3.92
N ASN A 41 8.15 6.32 -2.86
CA ASN A 41 7.64 5.67 -1.64
C ASN A 41 6.60 6.54 -1.00
N VAL A 42 5.68 5.99 -0.22
CA VAL A 42 4.65 6.82 0.42
CA VAL A 42 4.66 6.82 0.43
C VAL A 42 5.29 7.90 1.31
N GLY A 43 6.41 7.58 1.90
CA GLY A 43 7.15 8.55 2.73
C GLY A 43 6.59 8.67 4.14
N ASP A 44 7.32 9.40 4.97
CA ASP A 44 7.02 9.46 6.39
C ASP A 44 5.80 10.36 6.68
N ALA A 45 5.54 11.44 5.94
CA ALA A 45 4.42 12.34 6.23
C ALA A 45 3.10 11.61 6.06
N LYS A 46 2.92 11.04 4.87
CA LYS A 46 1.73 10.28 4.61
C LYS A 46 1.78 8.95 5.37
N GLY A 47 2.97 8.41 5.63
CA GLY A 47 3.11 7.17 6.36
C GLY A 47 2.57 7.28 7.77
N GLN A 48 2.77 8.45 8.42
CA GLN A 48 2.25 8.62 9.76
C GLN A 48 0.72 8.55 9.76
N ILE A 49 0.08 9.08 8.71
CA ILE A 49 -1.38 9.01 8.59
C ILE A 49 -1.81 7.56 8.38
N MET A 50 -1.11 6.86 7.49
CA MET A 50 -1.38 5.43 7.33
CA MET A 50 -1.35 5.43 7.31
C MET A 50 -1.27 4.68 8.64
N ASP A 51 -0.24 4.95 9.45
CA ASP A 51 -0.08 4.23 10.69
C ASP A 51 -1.29 4.45 11.60
N ALA A 52 -1.76 5.71 11.65
CA ALA A 52 -2.91 6.05 12.49
C ALA A 52 -4.16 5.31 12.06
N VAL A 53 -4.39 5.20 10.76
CA VAL A 53 -5.53 4.46 10.20
C VAL A 53 -5.42 2.95 10.50
N ILE A 54 -4.25 2.37 10.31
CA ILE A 54 -4.05 0.96 10.57
C ILE A 54 -4.32 0.64 12.01
N ARG A 55 -3.81 1.47 12.89
CA ARG A 55 -4.01 1.22 14.30
CA ARG A 55 -4.02 1.23 14.31
C ARG A 55 -5.49 1.37 14.70
N GLU A 56 -6.22 2.28 14.05
CA GLU A 56 -7.64 2.38 14.36
C GLU A 56 -8.45 1.10 14.02
N TYR A 57 -8.17 0.50 12.88
CA TYR A 57 -8.94 -0.61 12.37
C TYR A 57 -8.36 -1.99 12.67
N SER A 58 -7.07 -2.11 12.97
CA SER A 58 -6.41 -3.40 13.20
CA SER A 58 -6.44 -3.37 13.20
C SER A 58 -6.87 -4.45 12.20
N PRO A 59 -6.68 -4.20 10.89
CA PRO A 59 -7.20 -5.16 9.91
C PRO A 59 -6.52 -6.50 9.98
N SER A 60 -7.30 -7.55 9.73
CA SER A 60 -6.78 -8.91 9.63
C SER A 60 -6.23 -9.27 8.27
N LEU A 61 -6.81 -8.69 7.21
CA LEU A 61 -6.42 -8.97 5.86
C LEU A 61 -6.43 -7.67 5.09
N VAL A 62 -5.24 -7.29 4.61
CA VAL A 62 -5.01 -6.09 3.84
C VAL A 62 -4.57 -6.45 2.45
N LEU A 63 -5.13 -5.78 1.44
CA LEU A 63 -4.65 -5.80 0.08
C LEU A 63 -4.00 -4.49 -0.28
N GLU A 64 -2.76 -4.56 -0.78
CA GLU A 64 -2.08 -3.35 -1.28
C GLU A 64 -1.96 -3.50 -2.82
N LEU A 65 -2.35 -2.45 -3.51
CA LEU A 65 -2.16 -2.36 -4.97
C LEU A 65 -1.00 -1.41 -5.23
N GLY A 66 0.13 -2.02 -5.60
CA GLY A 66 1.36 -1.30 -5.84
C GLY A 66 2.32 -1.40 -4.68
N ALA A 67 3.42 -2.14 -4.81
CA ALA A 67 4.38 -2.35 -3.76
C ALA A 67 5.60 -1.42 -3.91
N TYR A 68 6.12 -1.33 -5.14
CA TYR A 68 7.32 -0.58 -5.47
C TYR A 68 8.54 -1.19 -4.85
N CYS A 69 9.11 -0.61 -3.82
CA CYS A 69 10.29 -1.16 -3.13
C CYS A 69 9.92 -1.79 -1.78
N GLY A 70 8.65 -1.78 -1.41
CA GLY A 70 8.22 -2.39 -0.17
C GLY A 70 8.06 -1.44 1.01
N TYR A 71 8.23 -0.13 0.81
CA TYR A 71 8.13 0.80 1.94
C TYR A 71 6.78 0.69 2.63
N SER A 72 5.72 0.86 1.89
CA SER A 72 4.39 0.83 2.50
C SER A 72 4.06 -0.55 3.07
N ALA A 73 4.55 -1.59 2.42
CA ALA A 73 4.30 -2.95 2.89
C ALA A 73 5.00 -3.16 4.26
N VAL A 74 6.22 -2.62 4.40
CA VAL A 74 6.92 -2.71 5.67
C VAL A 74 6.13 -1.88 6.71
N ARG A 75 5.68 -0.66 6.31
CA ARG A 75 4.99 0.23 7.20
C ARG A 75 3.75 -0.46 7.76
N MET A 76 2.93 -1.01 6.87
CA MET A 76 1.70 -1.65 7.33
C MET A 76 1.92 -2.97 8.07
N ALA A 77 2.78 -3.83 7.53
CA ALA A 77 2.96 -5.14 8.09
C ALA A 77 3.54 -5.08 9.50
N ARG A 78 4.39 -4.10 9.79
CA ARG A 78 4.96 -3.99 11.13
C ARG A 78 3.88 -3.71 12.18
N LEU A 79 2.70 -3.24 11.80
CA LEU A 79 1.67 -2.88 12.76
C LEU A 79 0.55 -3.90 12.82
N LEU A 80 0.61 -4.92 11.96
CA LEU A 80 -0.39 -5.98 11.98
C LEU A 80 -0.26 -6.88 13.20
N GLN A 81 -1.38 -7.33 13.70
CA GLN A 81 -1.44 -8.22 14.81
C GLN A 81 -0.94 -9.61 14.42
N PRO A 82 -0.54 -10.43 15.42
CA PRO A 82 -0.17 -11.78 15.10
C PRO A 82 -1.23 -12.52 14.27
N GLY A 83 -0.76 -13.16 13.21
CA GLY A 83 -1.64 -13.92 12.32
C GLY A 83 -2.36 -13.10 11.24
N ALA A 84 -2.35 -11.76 11.32
CA ALA A 84 -2.92 -10.89 10.28
C ALA A 84 -1.98 -10.93 9.09
N ARG A 85 -2.53 -10.64 7.92
CA ARG A 85 -1.80 -10.81 6.65
C ARG A 85 -1.99 -9.64 5.70
N LEU A 86 -0.99 -9.41 4.88
CA LEU A 86 -0.97 -8.46 3.78
C LEU A 86 -0.68 -9.17 2.49
N LEU A 87 -1.48 -8.91 1.48
CA LEU A 87 -1.22 -9.32 0.10
C LEU A 87 -0.90 -8.06 -0.67
N THR A 88 0.24 -8.03 -1.36
CA THR A 88 0.56 -6.85 -2.13
CA THR A 88 0.65 -6.86 -2.13
C THR A 88 0.84 -7.25 -3.57
N MET A 89 0.21 -6.51 -4.46
CA MET A 89 0.27 -6.72 -5.92
CA MET A 89 0.36 -6.73 -5.86
C MET A 89 1.31 -5.77 -6.52
N GLU A 90 2.20 -6.33 -7.34
CA GLU A 90 3.22 -5.55 -8.01
C GLU A 90 3.34 -6.08 -9.45
N ILE A 91 3.14 -5.18 -10.43
CA ILE A 91 3.24 -5.54 -11.82
C ILE A 91 4.67 -5.66 -12.34
N ASN A 92 5.62 -4.91 -11.77
CA ASN A 92 6.98 -4.83 -12.29
C ASN A 92 7.80 -5.91 -11.59
N PRO A 93 8.33 -6.89 -12.32
CA PRO A 93 8.99 -8.00 -11.67
C PRO A 93 10.26 -7.62 -10.95
N ASP A 94 11.00 -6.64 -11.46
CA ASP A 94 12.17 -6.19 -10.74
C ASP A 94 11.79 -5.56 -9.41
N CYS A 95 10.71 -4.79 -9.38
CA CYS A 95 10.22 -4.22 -8.11
C CYS A 95 9.66 -5.28 -7.21
N ALA A 96 9.00 -6.31 -7.75
CA ALA A 96 8.54 -7.41 -6.89
C ALA A 96 9.72 -8.04 -6.16
N ALA A 97 10.80 -8.27 -6.88
CA ALA A 97 11.97 -8.87 -6.27
C ALA A 97 12.59 -7.92 -5.20
N ILE A 98 12.69 -6.61 -5.47
CA ILE A 98 13.17 -5.67 -4.44
C ILE A 98 12.27 -5.76 -3.21
N THR A 99 10.96 -5.70 -3.42
CA THR A 99 10.01 -5.74 -2.33
C THR A 99 10.16 -7.00 -1.47
N GLN A 100 10.30 -8.16 -2.10
CA GLN A 100 10.47 -9.38 -1.34
C GLN A 100 11.75 -9.32 -0.49
N GLN A 101 12.83 -8.80 -1.08
CA GLN A 101 14.08 -8.73 -0.37
C GLN A 101 13.98 -7.74 0.78
N MET A 102 13.23 -6.63 0.59
CA MET A 102 13.04 -5.64 1.64
C MET A 102 12.29 -6.23 2.82
N LEU A 103 11.25 -6.94 2.52
CA LEU A 103 10.43 -7.60 3.55
C LEU A 103 11.22 -8.66 4.28
N ASN A 104 12.05 -9.43 3.55
CA ASN A 104 12.90 -10.43 4.13
C ASN A 104 13.85 -9.75 5.09
N PHE A 105 14.51 -8.66 4.70
CA PHE A 105 15.44 -7.98 5.54
C PHE A 105 14.77 -7.47 6.83
N ALA A 106 13.55 -6.92 6.66
CA ALA A 106 12.78 -6.40 7.78
C ALA A 106 12.26 -7.50 8.71
N GLY A 107 12.31 -8.78 8.32
CA GLY A 107 11.79 -9.87 9.10
C GLY A 107 10.29 -10.01 9.05
N LEU A 108 9.66 -9.48 8.01
CA LEU A 108 8.19 -9.46 7.88
C LEU A 108 7.65 -10.44 6.85
N GLN A 109 8.51 -11.30 6.34
CA GLN A 109 8.13 -12.16 5.20
C GLN A 109 7.01 -13.13 5.53
N ASP A 110 6.84 -13.48 6.80
CA ASP A 110 5.74 -14.42 7.13
C ASP A 110 4.36 -13.75 7.14
N LYS A 111 4.33 -12.43 7.14
CA LYS A 111 3.08 -11.72 7.17
CA LYS A 111 3.10 -11.66 7.18
C LYS A 111 2.60 -11.26 5.80
N VAL A 112 3.47 -11.30 4.78
CA VAL A 112 3.22 -10.67 3.50
C VAL A 112 3.38 -11.65 2.37
N THR A 113 2.48 -11.58 1.40
CA THR A 113 2.61 -12.30 0.17
C THR A 113 2.65 -11.33 -0.98
N ILE A 114 3.60 -11.50 -1.89
N ILE A 114 3.74 -11.35 -1.74
CA ILE A 114 3.55 -10.80 -3.18
CA ILE A 114 3.96 -10.43 -2.87
C ILE A 114 2.76 -11.54 -4.25
C ILE A 114 3.54 -11.09 -4.15
N LEU A 115 1.85 -10.84 -4.93
N LEU A 115 2.57 -10.48 -4.84
CA LEU A 115 1.09 -11.35 -6.04
CA LEU A 115 1.98 -11.05 -6.02
C LEU A 115 1.63 -10.66 -7.29
C LEU A 115 2.53 -10.24 -7.17
N ASN A 116 2.16 -11.44 -8.23
N ASN A 116 3.25 -10.88 -8.08
CA ASN A 116 2.81 -10.89 -9.39
CA ASN A 116 3.75 -10.20 -9.26
C ASN A 116 1.85 -10.77 -10.56
C ASN A 116 2.75 -10.27 -10.44
N GLY A 117 1.71 -9.53 -11.01
N GLY A 117 1.94 -9.23 -10.67
CA GLY A 117 0.90 -9.26 -12.15
CA GLY A 117 0.97 -9.21 -11.82
C GLY A 117 0.16 -7.95 -11.97
C GLY A 117 0.14 -7.91 -11.90
N ALA A 118 -0.78 -7.78 -12.88
CA ALA A 118 -1.65 -6.63 -12.97
C ALA A 118 -2.87 -6.83 -12.11
N SER A 119 -3.34 -5.76 -11.48
CA SER A 119 -4.49 -5.82 -10.61
C SER A 119 -5.73 -6.31 -11.34
N GLN A 120 -5.90 -5.94 -12.60
CA GLN A 120 -7.15 -6.35 -13.28
C GLN A 120 -7.16 -7.86 -13.56
N ASP A 121 -5.99 -8.49 -13.58
CA ASP A 121 -5.85 -9.94 -13.77
C ASP A 121 -5.89 -10.68 -12.43
N LEU A 122 -5.28 -10.11 -11.37
CA LEU A 122 -5.15 -10.79 -10.08
C LEU A 122 -6.37 -10.63 -9.18
N ILE A 123 -7.07 -9.49 -9.22
CA ILE A 123 -8.25 -9.32 -8.35
C ILE A 123 -9.26 -10.44 -8.51
N PRO A 124 -9.56 -10.88 -9.77
CA PRO A 124 -10.55 -11.95 -9.91
C PRO A 124 -10.08 -13.31 -9.46
N GLN A 125 -8.79 -13.46 -9.15
CA GLN A 125 -8.25 -14.72 -8.64
C GLN A 125 -8.15 -14.78 -7.14
N LEU A 126 -8.39 -13.66 -6.44
CA LEU A 126 -8.16 -13.65 -4.99
C LEU A 126 -8.98 -14.67 -4.21
N LYS A 127 -10.24 -14.84 -4.58
CA LYS A 127 -11.13 -15.73 -3.82
C LYS A 127 -10.72 -17.19 -3.93
N LYS A 128 -10.52 -17.66 -5.17
CA LYS A 128 -10.20 -19.07 -5.36
C LYS A 128 -8.71 -19.38 -5.21
N LYS A 129 -7.79 -18.60 -5.77
CA LYS A 129 -6.35 -18.92 -5.69
C LYS A 129 -5.72 -18.48 -4.36
N TYR A 130 -6.16 -17.36 -3.81
CA TYR A 130 -5.51 -16.87 -2.60
C TYR A 130 -6.38 -17.03 -1.37
N ASP A 131 -7.49 -17.79 -1.52
CA ASP A 131 -8.37 -18.16 -0.41
C ASP A 131 -8.95 -16.93 0.37
N VAL A 132 -9.22 -15.84 -0.34
CA VAL A 132 -9.75 -14.64 0.32
C VAL A 132 -11.27 -14.79 0.38
N ASP A 133 -11.85 -14.39 1.51
CA ASP A 133 -13.26 -14.16 1.61
C ASP A 133 -13.58 -12.68 1.33
N THR A 134 -13.44 -11.76 2.29
CA THR A 134 -13.52 -10.36 2.06
C THR A 134 -12.27 -9.70 2.66
N LEU A 135 -12.03 -8.48 2.19
CA LEU A 135 -10.91 -7.71 2.60
C LEU A 135 -11.32 -6.77 3.70
N ASP A 136 -10.45 -6.55 4.68
CA ASP A 136 -10.67 -5.56 5.72
C ASP A 136 -10.20 -4.16 5.34
N MET A 137 -9.16 -4.09 4.52
CA MET A 137 -8.58 -2.80 4.12
CA MET A 137 -8.59 -2.80 4.10
C MET A 137 -7.90 -3.01 2.78
N VAL A 138 -7.92 -1.96 1.97
CA VAL A 138 -7.22 -1.93 0.68
C VAL A 138 -6.42 -0.64 0.61
N PHE A 139 -5.13 -0.70 0.29
CA PHE A 139 -4.30 0.48 0.09
C PHE A 139 -4.07 0.59 -1.41
N LEU A 140 -4.52 1.70 -2.01
CA LEU A 140 -4.36 1.94 -3.45
C LEU A 140 -3.19 2.86 -3.70
N ASP A 141 -2.20 2.35 -4.42
CA ASP A 141 -0.95 3.08 -4.71
C ASP A 141 -0.34 2.64 -6.02
N HIS A 142 -1.19 2.32 -7.00
CA HIS A 142 -0.78 1.79 -8.29
C HIS A 142 -1.12 2.79 -9.40
N TRP A 143 -1.41 2.35 -10.60
CA TRP A 143 -1.70 3.31 -11.67
C TRP A 143 -2.96 4.11 -11.37
N LYS A 144 -2.87 5.41 -11.49
CA LYS A 144 -3.96 6.29 -11.09
CA LYS A 144 -3.95 6.29 -11.09
C LYS A 144 -5.27 6.00 -11.84
N ASP A 145 -5.16 5.59 -13.08
CA ASP A 145 -6.32 5.26 -13.90
C ASP A 145 -6.97 3.95 -13.49
N ARG A 146 -6.36 3.19 -12.59
CA ARG A 146 -6.91 1.94 -12.14
C ARG A 146 -7.63 2.10 -10.81
N TYR A 147 -7.54 3.22 -10.14
CA TYR A 147 -8.18 3.31 -8.79
C TYR A 147 -9.68 3.05 -8.85
N LEU A 148 -10.35 3.77 -9.78
CA LEU A 148 -11.79 3.59 -9.94
C LEU A 148 -12.17 2.21 -10.49
N PRO A 149 -11.62 1.82 -11.64
CA PRO A 149 -12.02 0.49 -12.14
C PRO A 149 -11.73 -0.67 -11.18
N ASP A 150 -10.61 -0.59 -10.42
CA ASP A 150 -10.34 -1.69 -9.51
C ASP A 150 -11.26 -1.65 -8.28
N THR A 151 -11.69 -0.48 -7.82
CA THR A 151 -12.69 -0.40 -6.75
C THR A 151 -13.97 -1.10 -7.21
N LEU A 152 -14.41 -0.79 -8.43
CA LEU A 152 -15.62 -1.40 -8.98
C LEU A 152 -15.47 -2.93 -9.17
N LEU A 153 -14.27 -3.35 -9.58
CA LEU A 153 -13.96 -4.76 -9.73
C LEU A 153 -13.94 -5.50 -8.41
N LEU A 154 -13.34 -4.90 -7.40
CA LEU A 154 -13.38 -5.47 -6.06
C LEU A 154 -14.81 -5.73 -5.62
N GLU A 155 -15.68 -4.76 -5.85
CA GLU A 155 -17.07 -4.96 -5.50
C GLU A 155 -17.73 -6.07 -6.30
N LYS A 156 -17.51 -6.07 -7.60
CA LYS A 156 -18.09 -7.11 -8.46
C LYS A 156 -17.71 -8.52 -8.02
N CYS A 157 -16.47 -8.65 -7.56
CA CYS A 157 -15.90 -9.97 -7.19
C CYS A 157 -16.28 -10.35 -5.78
N GLY A 158 -17.06 -9.53 -5.07
CA GLY A 158 -17.56 -9.83 -3.74
C GLY A 158 -16.49 -9.76 -2.66
N LEU A 159 -15.47 -8.94 -2.88
CA LEU A 159 -14.34 -8.81 -1.97
C LEU A 159 -14.49 -7.73 -0.90
N LEU A 160 -15.48 -6.85 -1.05
CA LEU A 160 -15.74 -5.78 -0.08
C LEU A 160 -16.82 -6.26 0.87
N ARG A 161 -16.77 -5.82 2.09
CA ARG A 161 -17.83 -6.01 3.07
C ARG A 161 -18.17 -4.65 3.69
N LYS A 162 -19.27 -4.57 4.44
CA LYS A 162 -19.60 -3.38 5.24
C LYS A 162 -18.43 -3.09 6.15
N GLY A 163 -17.85 -1.90 5.98
CA GLY A 163 -16.75 -1.47 6.79
C GLY A 163 -15.37 -1.66 6.15
N THR A 164 -15.28 -2.27 4.96
CA THR A 164 -13.95 -2.34 4.30
C THR A 164 -13.42 -0.94 4.11
N VAL A 165 -12.19 -0.72 4.52
CA VAL A 165 -11.54 0.58 4.45
C VAL A 165 -10.67 0.67 3.19
N LEU A 166 -11.00 1.56 2.25
CA LEU A 166 -10.09 1.88 1.15
C LEU A 166 -9.26 3.10 1.58
N LEU A 167 -7.96 3.02 1.37
CA LEU A 167 -7.09 4.16 1.65
C LEU A 167 -6.24 4.38 0.42
N ALA A 168 -6.33 5.54 -0.17
CA ALA A 168 -5.75 5.83 -1.49
C ALA A 168 -4.67 6.88 -1.40
N ASP A 169 -3.48 6.56 -1.91
CA ASP A 169 -2.40 7.49 -2.03
C ASP A 169 -2.56 8.39 -3.23
N ASN A 170 -1.91 9.56 -3.20
CA ASN A 170 -1.71 10.36 -4.41
C ASN A 170 -3.00 10.89 -5.02
N VAL A 171 -3.99 11.17 -4.18
CA VAL A 171 -5.25 11.61 -4.73
C VAL A 171 -5.20 13.05 -5.19
N ILE A 172 -4.17 13.80 -4.77
CA ILE A 172 -3.94 15.17 -5.24
C ILE A 172 -2.83 15.21 -6.29
N VAL A 173 -1.68 14.60 -6.01
CA VAL A 173 -0.53 14.54 -6.93
C VAL A 173 0.01 13.11 -6.97
N PRO A 174 0.05 12.47 -8.15
CA PRO A 174 -0.44 12.97 -9.45
C PRO A 174 -1.90 13.24 -9.56
N GLY A 175 -2.73 12.71 -8.67
CA GLY A 175 -4.16 12.89 -8.70
C GLY A 175 -4.96 11.77 -9.24
N THR A 176 -6.17 11.63 -8.69
CA THR A 176 -7.08 10.56 -9.09
C THR A 176 -8.50 11.14 -9.16
N PRO A 177 -8.72 12.04 -10.12
CA PRO A 177 -10.01 12.76 -10.12
C PRO A 177 -11.27 11.92 -10.28
N ASP A 178 -11.23 10.92 -11.15
CA ASP A 178 -12.41 10.11 -11.33
C ASP A 178 -12.77 9.30 -10.10
N PHE A 179 -11.76 8.69 -9.48
CA PHE A 179 -11.93 7.94 -8.24
C PHE A 179 -12.51 8.86 -7.15
N LEU A 180 -11.93 10.06 -6.95
CA LEU A 180 -12.38 10.96 -5.86
C LEU A 180 -13.85 11.35 -6.11
N ALA A 181 -14.18 11.75 -7.33
CA ALA A 181 -15.53 12.18 -7.65
C ALA A 181 -16.50 11.05 -7.37
N TYR A 182 -16.11 9.87 -7.77
CA TYR A 182 -16.98 8.72 -7.62
C TYR A 182 -17.22 8.41 -6.14
N VAL A 183 -16.16 8.15 -5.36
CA VAL A 183 -16.41 7.75 -4.01
C VAL A 183 -17.09 8.85 -3.21
N ARG A 184 -16.73 10.11 -3.43
CA ARG A 184 -17.34 11.23 -2.72
C ARG A 184 -18.80 11.41 -3.06
N GLY A 185 -19.21 10.97 -4.24
CA GLY A 185 -20.58 11.10 -4.70
C GLY A 185 -21.45 9.90 -4.42
N SER A 186 -20.88 8.80 -3.93
CA SER A 186 -21.58 7.56 -3.77
C SER A 186 -22.09 7.34 -2.37
N SER A 187 -23.36 6.97 -2.26
CA SER A 187 -23.92 6.65 -0.93
CA SER A 187 -23.95 6.64 -0.95
C SER A 187 -23.36 5.36 -0.39
N SER A 188 -22.60 4.62 -1.21
CA SER A 188 -21.99 3.39 -0.73
C SER A 188 -20.62 3.58 -0.06
N PHE A 189 -20.15 4.79 -0.01
CA PHE A 189 -18.89 5.09 0.67
C PHE A 189 -19.00 6.26 1.61
N GLU A 190 -18.30 6.16 2.74
CA GLU A 190 -18.12 7.26 3.68
C GLU A 190 -16.67 7.72 3.57
N CYS A 191 -16.45 8.97 3.14
CA CYS A 191 -15.13 9.43 2.75
C CYS A 191 -14.57 10.49 3.67
N THR A 192 -13.25 10.46 3.79
CA THR A 192 -12.50 11.47 4.56
C THR A 192 -11.18 11.76 3.86
N HIS A 193 -10.86 13.02 3.69
CA HIS A 193 -9.61 13.44 3.09
C HIS A 193 -8.60 13.84 4.17
N TYR A 194 -7.38 13.30 4.04
CA TYR A 194 -6.27 13.61 4.95
C TYR A 194 -5.23 14.38 4.15
N SER A 195 -5.20 15.69 4.35
CA SER A 195 -4.22 16.49 3.59
C SER A 195 -2.85 16.27 4.12
N SER A 196 -1.87 16.20 3.24
CA SER A 196 -0.50 15.95 3.63
C SER A 196 0.44 16.53 2.60
N TYR A 197 1.59 15.87 2.41
CA TYR A 197 2.62 16.33 1.48
C TYR A 197 3.10 15.15 0.70
N LEU A 198 3.43 15.38 -0.56
CA LEU A 198 4.14 14.45 -1.42
C LEU A 198 5.39 14.00 -0.70
N GLU A 199 5.71 12.71 -0.81
CA GLU A 199 6.89 12.13 -0.17
C GLU A 199 8.10 13.02 -0.49
N TYR A 200 8.82 13.36 0.57
CA TYR A 200 10.11 14.01 0.46
C TYR A 200 10.09 15.42 -0.08
N MET A 201 8.91 16.02 -0.28
CA MET A 201 8.78 17.28 -1.03
CA MET A 201 8.84 17.31 -0.93
C MET A 201 7.84 18.21 -0.26
N LYS A 202 8.01 19.48 -0.49
CA LYS A 202 7.13 20.51 0.04
C LYS A 202 6.13 20.78 -1.08
N VAL A 203 5.33 19.80 -1.38
CA VAL A 203 4.26 19.82 -2.36
C VAL A 203 3.07 19.17 -1.67
N VAL A 204 1.89 19.79 -1.68
CA VAL A 204 0.71 19.22 -1.09
C VAL A 204 0.24 17.95 -1.83
N ASP A 205 -0.04 16.89 -1.06
CA ASP A 205 -0.72 15.72 -1.57
C ASP A 205 -1.72 15.30 -0.49
N GLY A 206 -2.36 14.17 -0.62
CA GLY A 206 -3.26 13.69 0.39
C GLY A 206 -3.64 12.28 0.18
N LEU A 207 -4.18 11.72 1.24
CA LEU A 207 -4.80 10.41 1.22
C LEU A 207 -6.28 10.52 1.30
N GLU A 208 -7.02 9.66 0.61
CA GLU A 208 -8.46 9.55 0.80
C GLU A 208 -8.80 8.22 1.46
N LYS A 209 -9.59 8.28 2.55
CA LYS A 209 -10.18 7.08 3.13
C LYS A 209 -11.58 7.00 2.64
N ALA A 210 -12.01 5.84 2.14
CA ALA A 210 -13.39 5.64 1.67
C ALA A 210 -13.86 4.32 2.25
N ILE A 211 -14.76 4.40 3.22
CA ILE A 211 -15.25 3.17 3.87
C ILE A 211 -16.49 2.63 3.15
N TYR A 212 -16.43 1.40 2.66
CA TYR A 212 -17.56 0.81 1.96
C TYR A 212 -18.69 0.53 2.96
N GLN A 213 -19.89 0.92 2.57
CA GLN A 213 -21.12 0.77 3.33
C GLN A 213 -22.11 -0.22 2.79
N GLY A 214 -21.79 -0.92 1.72
CA GLY A 214 -22.74 -1.97 1.23
C GLY A 214 -23.38 -1.45 -0.04
N PRO A 215 -24.25 -2.28 -0.68
CA PRO A 215 -24.86 -1.89 -1.98
C PRO A 215 -25.85 -0.73 -1.92
MG MG B . 2.16 6.75 -4.09
C4 7JP C . 3.66 8.49 -5.94
C6 7JP C . 3.48 7.54 -8.19
C7 7JP C . 3.32 7.42 -6.78
C13 7JP C . 2.28 4.10 -9.18
C15 7JP C . 3.32 2.30 -10.71
C17 7JP C . 2.27 0.01 -11.28
C20 7JP C . 1.15 -2.69 -9.07
C21 7JP C . 0.46 -1.70 -11.04
C22 7JP C . 0.14 -2.76 -10.10
C26 7JP C . -0.31 -1.49 -12.19
C28 7JP C . 4.51 12.30 -7.91
C1 7JP C . 3.98 8.76 -8.72
C2 7JP C . 4.31 9.82 -7.89
C3 7JP C . 4.15 9.69 -6.49
O5 7JP C . 3.49 8.33 -4.61
N8 7JP C . 2.80 6.27 -6.21
C9 7JP C . 2.54 5.27 -6.99
N10 7JP C . 2.67 5.26 -8.38
C11 7JP C . 3.10 6.42 -9.02
O12 7JP C . 3.20 6.45 -10.24
C14 7JP C . 3.55 3.36 -9.63
C16 7JP C . 2.31 1.25 -10.27
N18 7JP C . 1.60 -1.06 -10.60
C19 7JP C . 2.03 -1.65 -9.39
C23 7JP C . -0.93 -3.59 -10.41
N24 7JP C . -1.67 -3.40 -11.50
C25 7JP C . -1.35 -2.38 -12.31
C27 7JP C . 4.84 11.07 -8.46
C29 7JP C . 5.01 13.50 -8.38
C30 7JP C . 5.87 13.39 -9.49
C31 7JP C . 6.19 12.18 -10.07
C32 7JP C . 5.67 11.01 -9.56
F33 7JP C . 6.37 14.54 -9.99
CL CL D . 5.66 2.70 -0.90
CL CL E . 7.96 12.54 3.63
S SO4 F . 2.60 -14.26 12.76
O1 SO4 F . 4.07 -13.96 12.61
O2 SO4 F . 2.15 -15.50 12.05
O3 SO4 F . 1.80 -13.14 12.22
O4 SO4 F . 2.21 -14.40 14.19
S1 D1D G . 8.50 14.61 -7.22
C1 D1D G . 9.29 13.81 -8.58
C2 D1D G . 10.81 13.88 -8.41
O2 D1D G . 11.52 13.11 -9.40
C3 D1D G . 11.33 15.30 -8.36
O3 D1D G . 12.77 15.33 -8.35
C4 D1D G . 10.81 16.41 -7.45
S4 D1D G . 9.06 16.53 -7.54
C3' NHE H . 11.14 16.46 -7.56
C2' NHE H . 12.41 16.02 -8.27
C1' NHE H . 12.65 14.52 -8.23
C6' NHE H . 11.40 13.79 -8.70
N NHE H . 13.83 14.14 -9.01
C1 NHE H . 14.93 13.33 -8.52
C2 NHE H . 16.39 13.78 -8.70
S NHE H . 17.55 13.61 -7.52
O1 NHE H . 18.05 14.98 -7.55
O2 NHE H . 18.60 12.69 -8.04
O3 NHE H . 16.79 13.14 -6.31
C5' NHE H . 10.05 14.34 -8.18
C4' NHE H . 9.96 15.85 -8.31
C3' NHE I . -19.49 -0.68 -6.09
C2' NHE I . -20.90 -1.06 -6.51
C1' NHE I . -21.89 -0.68 -5.41
C6' NHE I . -21.81 0.83 -5.17
N NHE I . -23.25 -1.17 -5.79
C1 NHE I . -23.51 -2.61 -6.11
C2 NHE I . -24.48 -3.58 -5.37
S NHE I . -25.80 -4.33 -6.19
O1 NHE I . -26.09 -3.61 -7.46
O2 NHE I . -25.65 -5.80 -6.53
O3 NHE I . -27.06 -4.17 -5.36
C5' NHE I . -20.37 1.37 -4.95
C4' NHE I . -19.45 0.85 -6.05
#